data_1G5J
#
_entry.id   1G5J
#
_cell.length_a   1.000
_cell.length_b   1.000
_cell.length_c   1.000
_cell.angle_alpha   90.00
_cell.angle_beta   90.00
_cell.angle_gamma   90.00
#
_symmetry.space_group_name_H-M   'P 1'
#
loop_
_entity.id
_entity.type
_entity.pdbx_description
1 polymer 'APOPTOSIS REGULATOR BCL-X'
2 polymer 'BAD PROTEIN'
#
loop_
_entity_poly.entity_id
_entity_poly.type
_entity_poly.pdbx_seq_one_letter_code
_entity_poly.pdbx_strand_id
1 'polypeptide(L)'
;MSMAMSQSNRELVVDFLSYKLSQKGYSWSQFSDVEENRTEAPEGTESEAVKQALREAGDEFELRYRRAFSDLTSQLHITP
GTAYQSFEQVVNELFRDGVNWGRIVAFFSFGGALCVESVDKEMQVLVSRIAAWMATYLNDHLEPWIQENGGWDTFVELYG
NNAAAESRKGQERLE
;
A
2 'polypeptide(L)' NLWAAQRYGRELRRMSDEFVDSFKK B
#
# COMPACT_ATOMS: atom_id res chain seq x y z
N MET A 1 14.10 13.44 15.60
CA MET A 1 12.69 13.29 15.15
C MET A 1 12.50 11.99 14.38
N SER A 2 11.82 11.04 15.01
CA SER A 2 11.56 9.74 14.38
C SER A 2 10.30 9.81 13.52
N MET A 3 9.23 10.36 14.09
CA MET A 3 7.96 10.48 13.38
C MET A 3 8.16 11.12 12.01
N ALA A 4 9.16 11.99 11.91
CA ALA A 4 9.46 12.68 10.66
C ALA A 4 9.53 11.70 9.49
N MET A 5 9.92 10.46 9.79
CA MET A 5 10.05 9.45 8.75
C MET A 5 8.84 9.45 7.83
N SER A 6 7.69 9.82 8.38
CA SER A 6 6.44 9.87 7.62
C SER A 6 6.62 10.67 6.33
N GLN A 7 7.49 11.67 6.37
CA GLN A 7 7.73 12.51 5.20
C GLN A 7 7.97 11.66 3.95
N SER A 8 8.63 10.52 4.14
CA SER A 8 8.91 9.61 3.03
C SER A 8 7.70 8.75 2.71
N ASN A 9 7.00 8.31 3.75
CA ASN A 9 5.83 7.46 3.57
C ASN A 9 4.63 8.25 3.03
N ARG A 10 4.53 9.51 3.41
CA ARG A 10 3.42 10.33 2.94
C ARG A 10 3.40 10.35 1.42
N GLU A 11 4.52 10.75 0.82
CA GLU A 11 4.65 10.78 -0.62
C GLU A 11 4.60 9.36 -1.18
N LEU A 12 4.99 8.40 -0.35
CA LEU A 12 4.97 7.00 -0.74
C LEU A 12 3.54 6.61 -1.04
N VAL A 13 2.68 6.86 -0.07
CA VAL A 13 1.28 6.56 -0.17
C VAL A 13 0.58 7.43 -1.21
N VAL A 14 0.94 8.71 -1.31
CA VAL A 14 0.34 9.60 -2.31
C VAL A 14 0.81 9.21 -3.70
N ASP A 15 2.07 8.79 -3.80
CA ASP A 15 2.64 8.40 -5.08
C ASP A 15 2.04 7.09 -5.55
N PHE A 16 2.12 6.06 -4.70
CA PHE A 16 1.58 4.75 -5.03
C PHE A 16 0.12 4.88 -5.46
N LEU A 17 -0.66 5.60 -4.65
CA LEU A 17 -2.06 5.81 -4.94
C LEU A 17 -2.24 6.30 -6.37
N SER A 18 -1.51 7.35 -6.72
CA SER A 18 -1.58 7.92 -8.07
C SER A 18 -1.20 6.88 -9.11
N TYR A 19 -0.17 6.10 -8.83
CA TYR A 19 0.27 5.06 -9.75
C TYR A 19 -0.90 4.15 -10.12
N LYS A 20 -1.82 3.98 -9.18
CA LYS A 20 -3.00 3.16 -9.40
C LYS A 20 -4.00 3.84 -10.32
N LEU A 21 -4.26 5.12 -10.05
CA LEU A 21 -5.20 5.90 -10.87
C LEU A 21 -4.77 5.86 -12.33
N SER A 22 -3.46 5.81 -12.56
CA SER A 22 -2.91 5.77 -13.91
C SER A 22 -3.53 4.64 -14.72
N GLN A 23 -3.58 3.45 -14.12
CA GLN A 23 -4.15 2.28 -14.79
C GLN A 23 -5.59 2.56 -15.20
N LYS A 24 -6.35 3.19 -14.31
CA LYS A 24 -7.74 3.52 -14.58
C LYS A 24 -7.88 4.88 -15.28
N GLY A 25 -6.76 5.54 -15.56
CA GLY A 25 -6.81 6.84 -16.20
C GLY A 25 -7.50 7.87 -15.34
N TYR A 26 -7.12 7.93 -14.06
CA TYR A 26 -7.72 8.88 -13.14
C TYR A 26 -6.72 9.99 -12.82
N SER A 27 -7.17 11.23 -12.90
CA SER A 27 -6.32 12.38 -12.62
C SER A 27 -6.03 12.51 -11.13
N TRP A 28 -4.99 11.83 -10.67
CA TRP A 28 -4.61 11.87 -9.26
C TRP A 28 -4.32 13.31 -8.80
N SER A 29 -4.05 14.20 -9.75
CA SER A 29 -3.76 15.59 -9.43
C SER A 29 -5.03 16.43 -9.29
N GLN A 30 -6.19 15.78 -9.25
CA GLN A 30 -7.46 16.49 -9.09
C GLN A 30 -8.11 16.16 -7.75
N PHE A 31 -7.33 15.58 -6.83
CA PHE A 31 -7.84 15.22 -5.52
C PHE A 31 -6.98 15.83 -4.42
N SER A 32 -5.66 15.76 -4.60
CA SER A 32 -4.73 16.30 -3.60
C SER A 32 -3.94 17.47 -4.19
N ASP A 33 -2.81 17.18 -4.84
CA ASP A 33 -1.98 18.23 -5.44
C ASP A 33 -0.64 17.65 -5.90
N VAL A 34 -0.69 16.48 -6.52
CA VAL A 34 0.51 15.82 -7.01
C VAL A 34 1.23 16.66 -8.06
N GLU A 35 2.03 17.61 -7.61
CA GLU A 35 2.78 18.48 -8.50
C GLU A 35 3.47 17.68 -9.59
N GLU A 36 4.56 17.01 -9.21
CA GLU A 36 5.32 16.20 -10.15
C GLU A 36 6.49 15.52 -9.46
N ASN A 37 7.28 14.77 -10.23
CA ASN A 37 8.43 14.07 -9.69
C ASN A 37 9.28 14.99 -8.82
N ARG A 38 10.22 14.41 -8.08
CA ARG A 38 11.09 15.18 -7.20
C ARG A 38 10.30 15.78 -6.04
N THR A 39 10.39 15.14 -4.87
CA THR A 39 9.69 15.60 -3.68
C THR A 39 10.61 15.63 -2.48
N GLU A 40 11.36 16.72 -2.34
CA GLU A 40 12.28 16.87 -1.21
C GLU A 40 13.35 15.78 -1.25
N ALA A 41 14.50 16.08 -0.64
CA ALA A 41 15.62 15.14 -0.59
C ALA A 41 16.88 15.86 -0.15
N PRO A 42 17.32 15.62 1.08
CA PRO A 42 18.49 16.26 1.65
C PRO A 42 19.75 15.38 1.64
N GLU A 43 19.60 14.13 1.19
CA GLU A 43 20.73 13.20 1.14
C GLU A 43 20.98 12.74 -0.29
N GLY A 44 20.01 12.06 -0.86
CA GLY A 44 20.14 11.57 -2.22
C GLY A 44 18.80 11.35 -2.89
N THR A 45 18.18 10.20 -2.62
CA THR A 45 16.89 9.87 -3.21
C THR A 45 16.29 8.65 -2.54
N GLU A 46 16.49 8.53 -1.23
CA GLU A 46 15.97 7.40 -0.47
C GLU A 46 14.49 7.16 -0.77
N SER A 47 13.66 8.12 -0.36
CA SER A 47 12.21 8.01 -0.58
C SER A 47 11.90 7.58 -2.02
N GLU A 48 12.64 8.13 -2.97
CA GLU A 48 12.43 7.79 -4.37
C GLU A 48 12.53 6.28 -4.58
N ALA A 49 13.68 5.72 -4.24
CA ALA A 49 13.90 4.29 -4.38
C ALA A 49 12.89 3.50 -3.56
N VAL A 50 12.50 4.09 -2.42
CA VAL A 50 11.53 3.45 -1.53
C VAL A 50 10.18 3.32 -2.21
N LYS A 51 9.78 4.36 -2.94
CA LYS A 51 8.50 4.37 -3.64
C LYS A 51 8.46 3.25 -4.68
N GLN A 52 9.42 3.26 -5.59
CA GLN A 52 9.50 2.24 -6.64
C GLN A 52 9.51 0.84 -6.04
N ALA A 53 10.28 0.67 -4.97
CA ALA A 53 10.37 -0.63 -4.30
C ALA A 53 8.98 -1.19 -4.03
N LEU A 54 8.14 -0.37 -3.40
CA LEU A 54 6.78 -0.79 -3.07
C LEU A 54 5.97 -1.04 -4.34
N ARG A 55 6.25 -0.26 -5.38
CA ARG A 55 5.55 -0.40 -6.65
C ARG A 55 5.79 -1.78 -7.26
N GLU A 56 7.05 -2.20 -7.30
CA GLU A 56 7.42 -3.50 -7.85
C GLU A 56 6.70 -4.62 -7.10
N ALA A 57 7.03 -4.76 -5.82
CA ALA A 57 6.42 -5.79 -4.99
C ALA A 57 4.90 -5.72 -5.08
N GLY A 58 4.37 -4.51 -5.05
CA GLY A 58 2.94 -4.33 -5.15
C GLY A 58 2.37 -4.92 -6.41
N ASP A 59 3.17 -4.93 -7.47
CA ASP A 59 2.74 -5.49 -8.74
C ASP A 59 2.67 -7.01 -8.65
N GLU A 60 3.60 -7.58 -7.88
CA GLU A 60 3.65 -9.02 -7.69
C GLU A 60 2.37 -9.52 -7.03
N PHE A 61 1.87 -8.74 -6.07
CA PHE A 61 0.64 -9.10 -5.35
C PHE A 61 -0.56 -9.05 -6.30
N GLU A 62 -0.77 -7.89 -6.92
CA GLU A 62 -1.89 -7.72 -7.85
C GLU A 62 -1.87 -8.78 -8.93
N LEU A 63 -0.69 -9.02 -9.49
CA LEU A 63 -0.53 -10.02 -10.54
C LEU A 63 -0.87 -11.41 -10.03
N ARG A 64 -0.63 -11.62 -8.74
CA ARG A 64 -0.91 -12.92 -8.11
C ARG A 64 -2.42 -13.22 -8.13
N TYR A 65 -3.20 -12.33 -7.52
CA TYR A 65 -4.65 -12.51 -7.46
C TYR A 65 -5.36 -11.17 -7.55
N ARG A 66 -5.54 -10.67 -8.77
CA ARG A 66 -6.23 -9.40 -8.98
C ARG A 66 -7.68 -9.46 -8.49
N ARG A 67 -8.20 -10.67 -8.30
CA ARG A 67 -9.57 -10.86 -7.83
C ARG A 67 -9.84 -9.95 -6.63
N ALA A 68 -9.00 -10.08 -5.60
CA ALA A 68 -9.14 -9.26 -4.41
C ALA A 68 -9.15 -7.78 -4.77
N PHE A 69 -8.47 -7.45 -5.88
CA PHE A 69 -8.41 -6.08 -6.36
C PHE A 69 -9.55 -5.80 -7.33
N SER A 70 -10.77 -6.09 -6.90
CA SER A 70 -11.95 -5.88 -7.73
C SER A 70 -12.87 -4.84 -7.08
N ASP A 71 -14.15 -4.85 -7.46
CA ASP A 71 -15.12 -3.90 -6.90
C ASP A 71 -15.29 -4.14 -5.41
N LEU A 72 -14.81 -3.20 -4.60
CA LEU A 72 -14.92 -3.31 -3.15
C LEU A 72 -16.11 -2.53 -2.60
N THR A 73 -16.52 -1.51 -3.34
CA THR A 73 -17.65 -0.68 -2.92
C THR A 73 -18.97 -1.44 -3.04
N SER A 74 -19.01 -2.42 -3.93
CA SER A 74 -20.22 -3.22 -4.14
C SER A 74 -20.43 -4.20 -2.98
N GLN A 75 -19.34 -4.60 -2.34
CA GLN A 75 -19.40 -5.53 -1.22
C GLN A 75 -19.80 -4.83 0.07
N LEU A 76 -19.06 -3.78 0.42
CA LEU A 76 -19.34 -3.03 1.64
C LEU A 76 -19.84 -1.62 1.31
N HIS A 77 -20.26 -0.89 2.34
CA HIS A 77 -20.76 0.47 2.16
C HIS A 77 -19.63 1.49 2.28
N ILE A 78 -19.26 2.08 1.14
CA ILE A 78 -18.19 3.07 1.12
C ILE A 78 -18.75 4.47 0.94
N THR A 79 -18.84 5.22 2.04
CA THR A 79 -19.36 6.59 2.00
C THR A 79 -18.59 7.49 2.96
N PRO A 80 -18.53 8.79 2.64
CA PRO A 80 -17.82 9.77 3.48
C PRO A 80 -18.27 9.71 4.94
N GLY A 81 -17.41 9.16 5.79
CA GLY A 81 -17.72 9.05 7.20
C GLY A 81 -17.82 7.62 7.67
N THR A 82 -18.17 6.71 6.75
CA THR A 82 -18.30 5.30 7.07
C THR A 82 -17.04 4.53 6.66
N ALA A 83 -16.35 5.03 5.64
CA ALA A 83 -15.14 4.39 5.15
C ALA A 83 -14.20 4.03 6.30
N TYR A 84 -14.24 4.83 7.36
CA TYR A 84 -13.40 4.59 8.52
C TYR A 84 -13.67 3.21 9.11
N GLN A 85 -14.95 2.86 9.18
CA GLN A 85 -15.34 1.55 9.71
C GLN A 85 -14.64 0.43 8.97
N SER A 86 -14.69 0.50 7.65
CA SER A 86 -14.05 -0.51 6.80
C SER A 86 -12.56 -0.58 7.07
N PHE A 87 -11.86 0.52 6.80
CA PHE A 87 -10.41 0.60 7.00
C PHE A 87 -10.00 -0.02 8.33
N GLU A 88 -10.55 0.49 9.42
CA GLU A 88 -10.23 -0.03 10.74
C GLU A 88 -10.35 -1.56 10.77
N GLN A 89 -11.38 -2.08 10.12
CA GLN A 89 -11.59 -3.52 10.05
C GLN A 89 -10.52 -4.18 9.19
N VAL A 90 -10.57 -3.91 7.88
CA VAL A 90 -9.59 -4.48 6.94
C VAL A 90 -8.19 -4.42 7.51
N VAL A 91 -7.78 -3.23 7.95
CA VAL A 91 -6.45 -3.03 8.52
C VAL A 91 -6.22 -3.92 9.72
N ASN A 92 -7.28 -4.17 10.49
CA ASN A 92 -7.17 -5.02 11.67
C ASN A 92 -6.75 -6.43 11.30
N GLU A 93 -7.63 -7.14 10.60
CA GLU A 93 -7.35 -8.51 10.19
C GLU A 93 -6.17 -8.59 9.21
N LEU A 94 -5.77 -7.45 8.65
CA LEU A 94 -4.66 -7.42 7.70
C LEU A 94 -3.31 -7.44 8.42
N PHE A 95 -3.17 -6.64 9.47
CA PHE A 95 -1.91 -6.57 10.21
C PHE A 95 -2.09 -7.03 11.66
N ARG A 96 -3.11 -7.84 11.91
CA ARG A 96 -3.38 -8.34 13.26
C ARG A 96 -2.10 -8.88 13.90
N ASP A 97 -1.69 -10.07 13.46
CA ASP A 97 -0.49 -10.70 14.00
C ASP A 97 0.58 -10.84 12.92
N GLY A 98 1.24 -9.73 12.59
CA GLY A 98 2.29 -9.75 11.58
C GLY A 98 2.22 -8.56 10.65
N VAL A 99 3.39 -8.05 10.27
CA VAL A 99 3.47 -6.90 9.38
C VAL A 99 4.47 -7.18 8.24
N ASN A 100 5.75 -7.02 8.54
CA ASN A 100 6.80 -7.26 7.56
C ASN A 100 6.63 -6.41 6.31
N TRP A 101 7.70 -6.25 5.55
CA TRP A 101 7.67 -5.46 4.32
C TRP A 101 6.58 -6.00 3.38
N GLY A 102 6.32 -7.31 3.49
CA GLY A 102 5.31 -7.92 2.65
C GLY A 102 3.94 -7.28 2.79
N ARG A 103 3.39 -7.29 4.00
CA ARG A 103 2.07 -6.71 4.22
C ARG A 103 2.08 -5.22 3.90
N ILE A 104 3.22 -4.58 4.11
CA ILE A 104 3.35 -3.16 3.83
C ILE A 104 3.06 -2.85 2.36
N VAL A 105 3.83 -3.46 1.47
CA VAL A 105 3.64 -3.25 0.04
C VAL A 105 2.19 -3.48 -0.36
N ALA A 106 1.64 -4.62 0.07
CA ALA A 106 0.26 -4.95 -0.24
C ALA A 106 -0.71 -3.91 0.33
N PHE A 107 -0.37 -3.36 1.48
CA PHE A 107 -1.20 -2.36 2.13
C PHE A 107 -1.35 -1.12 1.26
N PHE A 108 -0.24 -0.68 0.66
CA PHE A 108 -0.25 0.48 -0.21
C PHE A 108 -1.17 0.26 -1.40
N SER A 109 -0.96 -0.85 -2.11
CA SER A 109 -1.78 -1.18 -3.26
C SER A 109 -3.24 -1.34 -2.84
N PHE A 110 -3.43 -1.89 -1.64
CA PHE A 110 -4.75 -2.10 -1.09
C PHE A 110 -5.59 -0.83 -1.23
N GLY A 111 -5.20 0.21 -0.51
CA GLY A 111 -5.91 1.47 -0.57
C GLY A 111 -5.96 2.03 -1.97
N GLY A 112 -4.96 1.67 -2.79
CA GLY A 112 -4.91 2.14 -4.16
C GLY A 112 -6.16 1.78 -4.93
N ALA A 113 -6.39 0.48 -5.10
CA ALA A 113 -7.56 0.00 -5.83
C ALA A 113 -8.84 0.45 -5.15
N LEU A 114 -8.80 0.51 -3.82
CA LEU A 114 -9.97 0.92 -3.04
C LEU A 114 -10.30 2.39 -3.32
N CYS A 115 -9.28 3.18 -3.61
CA CYS A 115 -9.47 4.60 -3.90
C CYS A 115 -10.18 4.79 -5.24
N VAL A 116 -9.60 4.24 -6.30
CA VAL A 116 -10.19 4.34 -7.63
C VAL A 116 -11.63 3.86 -7.62
N GLU A 117 -11.92 2.89 -6.76
CA GLU A 117 -13.27 2.34 -6.63
C GLU A 117 -14.23 3.39 -6.09
N SER A 118 -13.78 4.12 -5.06
CA SER A 118 -14.62 5.15 -4.45
C SER A 118 -14.84 6.31 -5.42
N VAL A 119 -13.74 6.94 -5.84
CA VAL A 119 -13.81 8.06 -6.79
C VAL A 119 -14.74 7.74 -7.95
N ASP A 120 -14.73 6.49 -8.38
CA ASP A 120 -15.57 6.05 -9.50
C ASP A 120 -17.05 6.21 -9.17
N LYS A 121 -17.39 6.13 -7.89
CA LYS A 121 -18.78 6.27 -7.45
C LYS A 121 -19.08 7.70 -7.00
N GLU A 122 -18.36 8.66 -7.55
CA GLU A 122 -18.55 10.06 -7.20
C GLU A 122 -18.24 10.30 -5.73
N MET A 123 -17.28 9.56 -5.20
CA MET A 123 -16.88 9.69 -3.80
C MET A 123 -15.38 9.76 -3.67
N GLN A 124 -14.83 10.97 -3.77
CA GLN A 124 -13.39 11.18 -3.67
C GLN A 124 -12.98 11.54 -2.24
N VAL A 125 -13.93 12.01 -1.43
CA VAL A 125 -13.64 12.39 -0.05
C VAL A 125 -12.86 11.28 0.66
N LEU A 126 -13.08 10.04 0.24
CA LEU A 126 -12.40 8.89 0.84
C LEU A 126 -10.98 8.74 0.30
N VAL A 127 -10.74 9.26 -0.90
CA VAL A 127 -9.42 9.16 -1.52
C VAL A 127 -8.32 9.70 -0.60
N SER A 128 -8.20 11.02 -0.53
CA SER A 128 -7.19 11.64 0.32
C SER A 128 -7.27 11.11 1.75
N ARG A 129 -8.49 11.01 2.27
CA ARG A 129 -8.71 10.51 3.63
C ARG A 129 -8.02 9.17 3.83
N ILE A 130 -8.06 8.33 2.80
CA ILE A 130 -7.44 7.02 2.86
C ILE A 130 -5.93 7.10 2.76
N ALA A 131 -5.45 7.95 1.85
CA ALA A 131 -4.01 8.14 1.66
C ALA A 131 -3.33 8.48 2.98
N ALA A 132 -3.91 9.42 3.71
CA ALA A 132 -3.37 9.84 5.00
C ALA A 132 -3.40 8.69 6.01
N TRP A 133 -4.50 7.94 5.99
CA TRP A 133 -4.67 6.82 6.91
C TRP A 133 -3.59 5.77 6.68
N MET A 134 -3.27 5.50 5.42
CA MET A 134 -2.26 4.51 5.08
C MET A 134 -0.88 4.92 5.59
N ALA A 135 -0.58 6.20 5.45
CA ALA A 135 0.71 6.73 5.89
C ALA A 135 0.79 6.83 7.41
N THR A 136 -0.16 7.54 8.01
CA THR A 136 -0.18 7.70 9.46
C THR A 136 -0.16 6.34 10.16
N TYR A 137 -0.72 5.33 9.52
CA TYR A 137 -0.74 3.99 10.09
C TYR A 137 0.66 3.60 10.52
N LEU A 138 1.66 4.09 9.80
CA LEU A 138 3.04 3.81 10.12
C LEU A 138 3.50 4.64 11.31
N ASN A 139 3.34 5.95 11.19
CA ASN A 139 3.73 6.87 12.26
C ASN A 139 2.95 6.58 13.55
N ASP A 140 1.76 6.01 13.41
CA ASP A 140 0.92 5.70 14.57
C ASP A 140 1.04 4.23 14.98
N HIS A 141 0.86 3.32 14.03
CA HIS A 141 0.95 1.89 14.33
C HIS A 141 2.26 1.31 13.84
N LEU A 142 2.37 1.08 12.53
CA LEU A 142 3.59 0.52 11.96
C LEU A 142 4.74 1.50 12.08
N GLU A 143 5.31 1.59 13.29
CA GLU A 143 6.43 2.48 13.54
C GLU A 143 7.56 1.77 14.31
N PRO A 144 7.36 1.40 15.59
CA PRO A 144 8.39 0.72 16.38
C PRO A 144 9.01 -0.45 15.63
N TRP A 145 8.20 -1.11 14.79
CA TRP A 145 8.69 -2.24 14.03
C TRP A 145 9.49 -1.78 12.80
N ILE A 146 9.06 -0.69 12.18
CA ILE A 146 9.75 -0.16 11.01
C ILE A 146 11.23 0.03 11.30
N GLN A 147 11.52 0.75 12.38
CA GLN A 147 12.89 1.01 12.78
C GLN A 147 13.59 -0.26 13.21
N GLU A 148 12.96 -0.99 14.15
CA GLU A 148 13.50 -2.24 14.66
C GLU A 148 13.95 -3.15 13.51
N ASN A 149 13.14 -3.21 12.46
CA ASN A 149 13.46 -4.05 11.31
C ASN A 149 14.68 -3.51 10.57
N GLY A 150 14.93 -2.21 10.72
CA GLY A 150 16.09 -1.60 10.07
C GLY A 150 15.73 -0.34 9.31
N GLY A 151 14.66 0.32 9.72
CA GLY A 151 14.25 1.55 9.07
C GLY A 151 13.75 1.34 7.64
N TRP A 152 12.92 2.27 7.19
CA TRP A 152 12.37 2.22 5.84
C TRP A 152 13.47 1.92 4.83
N ASP A 153 14.68 2.39 5.13
CA ASP A 153 15.82 2.16 4.24
C ASP A 153 16.08 0.67 4.10
N THR A 154 16.07 -0.03 5.23
CA THR A 154 16.29 -1.48 5.21
C THR A 154 15.32 -2.13 4.25
N PHE A 155 14.05 -1.73 4.34
CA PHE A 155 13.02 -2.28 3.48
C PHE A 155 13.48 -2.24 2.02
N VAL A 156 13.95 -1.07 1.59
CA VAL A 156 14.42 -0.89 0.24
C VAL A 156 15.45 -1.95 -0.13
N GLU A 157 16.39 -2.20 0.77
CA GLU A 157 17.44 -3.18 0.55
C GLU A 157 16.88 -4.60 0.49
N LEU A 158 16.07 -4.96 1.49
CA LEU A 158 15.50 -6.29 1.57
C LEU A 158 14.59 -6.61 0.38
N TYR A 159 13.57 -5.79 0.18
CA TYR A 159 12.61 -6.00 -0.91
C TYR A 159 13.01 -5.28 -2.20
N GLY A 160 14.20 -4.69 -2.22
CA GLY A 160 14.64 -3.97 -3.41
C GLY A 160 14.47 -4.79 -4.68
N ASN A 161 14.77 -4.18 -5.82
CA ASN A 161 14.65 -4.84 -7.11
C ASN A 161 15.24 -6.24 -7.08
N ASN A 162 16.30 -6.41 -6.30
CA ASN A 162 16.96 -7.71 -6.18
C ASN A 162 16.00 -8.75 -5.60
N ALA A 163 15.26 -8.35 -4.57
CA ALA A 163 14.30 -9.25 -3.93
C ALA A 163 13.14 -9.57 -4.86
N ALA A 164 12.31 -8.57 -5.12
CA ALA A 164 11.15 -8.74 -5.99
C ALA A 164 11.53 -9.47 -7.29
N ALA A 165 12.78 -9.29 -7.71
CA ALA A 165 13.26 -9.93 -8.93
C ALA A 165 13.28 -11.45 -8.79
N GLU A 166 14.05 -11.94 -7.82
CA GLU A 166 14.15 -13.38 -7.59
C GLU A 166 12.77 -14.01 -7.51
N SER A 167 11.93 -13.49 -6.64
CA SER A 167 10.58 -14.01 -6.47
C SER A 167 9.87 -14.12 -7.82
N ARG A 168 9.90 -13.04 -8.59
CA ARG A 168 9.25 -13.02 -9.90
C ARG A 168 9.90 -14.04 -10.83
N LYS A 169 11.19 -14.30 -10.63
CA LYS A 169 11.92 -15.25 -11.46
C LYS A 169 11.57 -16.69 -11.10
N GLY A 170 11.21 -16.92 -9.84
CA GLY A 170 10.86 -18.26 -9.41
C GLY A 170 9.37 -18.43 -9.12
N GLN A 171 8.56 -17.45 -9.47
CA GLN A 171 7.13 -17.52 -9.25
C GLN A 171 6.35 -17.27 -10.53
N GLU A 172 6.72 -16.21 -11.26
CA GLU A 172 6.06 -15.87 -12.50
C GLU A 172 6.02 -17.05 -13.46
N ARG A 173 6.98 -17.97 -13.30
CA ARG A 173 7.06 -19.16 -14.15
C ARG A 173 7.61 -18.82 -15.54
N LEU A 174 6.90 -17.97 -16.26
CA LEU A 174 7.30 -17.56 -17.61
C LEU A 174 6.99 -18.65 -18.62
N GLU A 175 7.70 -19.77 -18.52
CA GLU A 175 7.50 -20.89 -19.43
C GLU A 175 7.85 -20.50 -20.86
N ASN B 1 -23.28 -3.31 9.07
CA ASN B 1 -22.80 -4.52 8.38
C ASN B 1 -21.53 -4.24 7.57
N LEU B 2 -20.61 -5.21 7.58
CA LEU B 2 -19.35 -5.06 6.85
C LEU B 2 -18.77 -6.43 6.50
N TRP B 3 -19.11 -6.92 5.31
CA TRP B 3 -18.64 -8.22 4.85
C TRP B 3 -17.18 -8.13 4.38
N ALA B 4 -16.90 -7.16 3.51
CA ALA B 4 -15.56 -6.97 2.98
C ALA B 4 -14.54 -6.77 4.11
N ALA B 5 -14.05 -5.52 4.31
CA ALA B 5 -13.07 -5.19 5.37
C ALA B 5 -12.60 -6.39 6.18
N GLN B 6 -13.49 -6.90 7.04
CA GLN B 6 -13.17 -8.07 7.86
C GLN B 6 -12.59 -9.19 7.00
N ARG B 7 -13.41 -9.78 6.14
CA ARG B 7 -12.94 -10.87 5.28
C ARG B 7 -11.91 -10.36 4.28
N TYR B 8 -12.20 -9.20 3.71
CA TYR B 8 -11.32 -8.55 2.74
C TYR B 8 -9.87 -8.60 3.21
N GLY B 9 -9.64 -8.21 4.46
CA GLY B 9 -8.30 -8.23 5.02
C GLY B 9 -7.79 -9.64 5.22
N ARG B 10 -8.64 -10.52 5.72
CA ARG B 10 -8.26 -11.91 5.95
C ARG B 10 -7.67 -12.53 4.69
N GLU B 11 -8.42 -12.45 3.60
CA GLU B 11 -7.97 -13.00 2.33
C GLU B 11 -6.62 -12.40 1.93
N LEU B 12 -6.50 -11.09 2.08
CA LEU B 12 -5.27 -10.40 1.75
C LEU B 12 -4.12 -10.86 2.62
N ARG B 13 -4.44 -11.26 3.85
CA ARG B 13 -3.43 -11.74 4.79
C ARG B 13 -2.74 -12.99 4.26
N ARG B 14 -3.53 -13.99 3.89
CA ARG B 14 -2.99 -15.24 3.37
C ARG B 14 -1.96 -14.96 2.28
N MET B 15 -2.38 -14.28 1.23
CA MET B 15 -1.49 -13.95 0.13
C MET B 15 -0.20 -13.32 0.65
N SER B 16 -0.32 -12.59 1.75
CA SER B 16 0.85 -11.95 2.36
C SER B 16 1.85 -12.99 2.84
N ASP B 17 1.36 -13.94 3.63
CA ASP B 17 2.22 -15.00 4.16
C ASP B 17 3.05 -15.61 3.04
N GLU B 18 2.42 -15.86 1.91
CA GLU B 18 3.10 -16.44 0.77
C GLU B 18 3.88 -15.37 0.00
N PHE B 19 3.38 -14.14 0.06
CA PHE B 19 4.03 -13.02 -0.63
C PHE B 19 5.51 -12.97 -0.30
N VAL B 20 5.85 -13.21 0.98
CA VAL B 20 7.23 -13.20 1.42
C VAL B 20 7.70 -14.60 1.82
N ASP B 21 8.99 -14.86 1.64
CA ASP B 21 9.55 -16.16 1.99
C ASP B 21 11.03 -16.22 1.65
N SER B 22 11.41 -15.60 0.54
CA SER B 22 12.81 -15.59 0.11
C SER B 22 13.50 -14.30 0.54
N PHE B 23 12.83 -13.16 0.35
CA PHE B 23 13.38 -11.87 0.72
C PHE B 23 13.84 -11.88 2.18
N LYS B 24 12.96 -12.35 3.06
CA LYS B 24 13.27 -12.41 4.48
C LYS B 24 14.30 -13.50 4.78
N LYS B 25 15.31 -13.15 5.57
CA LYS B 25 16.36 -14.09 5.92
C LYS B 25 17.23 -14.42 4.72
#